data_8DS8
#
_entry.id   8DS8
#
_cell.length_a   73.804
_cell.length_b   120.828
_cell.length_c   46.632
_cell.angle_alpha   90.000
_cell.angle_beta   90.000
_cell.angle_gamma   90.000
#
_symmetry.space_group_name_H-M   'P 21 21 2'
#
loop_
_entity.id
_entity.type
_entity.pdbx_description
1 polymer 'Trinucleotide repeat-containing gene 18 protein'
2 polymer 'Histone H3.1'
3 water water
#
loop_
_entity_poly.entity_id
_entity_poly.type
_entity_poly.pdbx_seq_one_letter_code
_entity_poly.pdbx_strand_id
1 'polypeptide(L)'
;GRQLWKWFGKPTQRRGMKGKARKLFYKAIVRGKEMIRIGDCAVFLSAGRPNLPYIGRIQSMWESWGNNMVVRVKWFYHPE
ETSPGKQFHQGQHWDQKSSRSLPAALRVSSQRKDFMERALYQSSHVDENDVQTVSHKCLVVGLEQYEQMLKTKKYQDSEG
LYYLAGTYEPTTGMIFSTDGVPVL
;
A,B
2 'polypeptide(L)' ARTKQTAR(M3L)STGGKAPRKQLATW C,D
#
# COMPACT_ATOMS: atom_id res chain seq x y z
N ARG A 2 -1.04 -16.86 -19.45
CA ARG A 2 0.11 -17.32 -18.67
C ARG A 2 -0.34 -17.78 -17.28
N GLN A 3 0.36 -17.31 -16.24
CA GLN A 3 0.02 -17.69 -14.87
C GLN A 3 -1.30 -17.08 -14.45
N LEU A 4 -2.03 -17.80 -13.59
CA LEU A 4 -3.35 -17.38 -13.15
C LEU A 4 -3.25 -16.54 -11.88
N TRP A 5 -4.18 -15.58 -11.75
CA TRP A 5 -4.41 -14.94 -10.47
C TRP A 5 -5.07 -15.93 -9.53
N LYS A 6 -4.68 -15.89 -8.26
CA LYS A 6 -5.34 -16.67 -7.20
C LYS A 6 -5.67 -15.74 -6.04
N TRP A 7 -6.60 -16.20 -5.20
CA TRP A 7 -6.95 -15.42 -4.00
C TRP A 7 -5.79 -15.40 -3.03
N PHE A 8 -5.66 -14.29 -2.28
CA PHE A 8 -4.69 -14.23 -1.19
C PHE A 8 -5.40 -14.57 0.13
N GLY A 9 -5.03 -15.71 0.73
CA GLY A 9 -5.54 -16.04 2.06
C GLY A 9 -7.03 -16.34 2.07
N LYS A 10 -7.65 -16.03 3.18
CA LYS A 10 -9.04 -16.35 3.51
C LYS A 10 -9.99 -15.26 3.03
N PRO A 11 -11.24 -15.65 2.76
CA PRO A 11 -12.25 -14.66 2.39
C PRO A 11 -12.51 -13.69 3.53
N THR A 12 -12.88 -12.49 3.14
CA THR A 12 -13.27 -11.44 4.07
C THR A 12 -14.73 -11.52 4.49
N GLN A 13 -15.58 -12.16 3.68
CA GLN A 13 -17.03 -12.18 3.85
CA GLN A 13 -16.98 -12.30 3.98
C GLN A 13 -17.60 -13.34 3.06
N ARG A 14 -18.74 -13.88 3.51
CA ARG A 14 -19.47 -14.92 2.80
C ARG A 14 -20.93 -14.51 2.68
N ARG A 15 -21.53 -14.81 1.54
CA ARG A 15 -22.96 -14.60 1.31
C ARG A 15 -23.59 -15.89 0.80
N GLY A 16 -24.86 -16.10 1.17
CA GLY A 16 -25.64 -17.22 0.68
C GLY A 16 -25.40 -18.50 1.48
N MET A 17 -26.32 -19.46 1.33
CA MET A 17 -26.03 -20.78 1.85
C MET A 17 -24.95 -21.49 1.06
N LYS A 18 -24.41 -22.55 1.67
CA LYS A 18 -23.46 -23.41 0.99
C LYS A 18 -24.11 -24.03 -0.24
N GLY A 19 -23.31 -24.25 -1.27
CA GLY A 19 -23.84 -24.79 -2.52
C GLY A 19 -23.87 -23.75 -3.63
N LYS A 20 -24.85 -23.84 -4.52
CA LYS A 20 -24.84 -23.06 -5.76
C LYS A 20 -24.99 -21.55 -5.52
N ALA A 21 -25.49 -21.13 -4.35
CA ALA A 21 -25.70 -19.72 -4.08
C ALA A 21 -24.57 -19.06 -3.28
N ARG A 22 -23.60 -19.86 -2.82
CA ARG A 22 -22.50 -19.36 -1.99
CA ARG A 22 -22.54 -19.33 -1.98
CA ARG A 22 -22.54 -19.33 -1.98
C ARG A 22 -21.61 -18.39 -2.75
N LYS A 23 -21.21 -17.32 -2.08
CA LYS A 23 -20.27 -16.36 -2.63
C LYS A 23 -19.24 -16.07 -1.56
N LEU A 24 -17.96 -16.21 -1.90
CA LEU A 24 -16.88 -15.90 -0.96
C LEU A 24 -16.16 -14.67 -1.48
N PHE A 25 -16.20 -13.58 -0.71
CA PHE A 25 -15.57 -12.31 -1.12
C PHE A 25 -14.14 -12.25 -0.61
N TYR A 26 -13.24 -11.68 -1.41
CA TYR A 26 -11.82 -11.57 -1.06
C TYR A 26 -11.34 -10.14 -1.27
N LYS A 27 -10.37 -9.73 -0.46
CA LYS A 27 -9.83 -8.40 -0.66
C LYS A 27 -8.67 -8.34 -1.67
N ALA A 28 -7.97 -9.47 -1.92
CA ALA A 28 -6.78 -9.39 -2.75
C ALA A 28 -6.58 -10.64 -3.59
N ILE A 29 -5.94 -10.43 -4.76
CA ILE A 29 -5.50 -11.50 -5.64
C ILE A 29 -3.99 -11.36 -5.83
N VAL A 30 -3.33 -12.48 -6.07
CA VAL A 30 -1.88 -12.50 -6.23
C VAL A 30 -1.51 -13.34 -7.44
N ARG A 31 -0.40 -12.96 -8.07
CA ARG A 31 0.16 -13.69 -9.20
C ARG A 31 1.67 -13.51 -9.11
N GLY A 32 2.39 -14.60 -8.88
CA GLY A 32 3.79 -14.51 -8.54
C GLY A 32 4.04 -13.56 -7.39
N LYS A 33 4.74 -12.47 -7.64
CA LYS A 33 5.04 -11.46 -6.62
C LYS A 33 4.18 -10.21 -6.75
N GLU A 34 3.15 -10.22 -7.58
CA GLU A 34 2.27 -9.07 -7.75
C GLU A 34 1.01 -9.26 -6.93
N MET A 35 0.56 -8.20 -6.27
CA MET A 35 -0.70 -8.23 -5.53
CA MET A 35 -0.70 -8.23 -5.54
C MET A 35 -1.60 -7.09 -6.00
N ILE A 36 -2.90 -7.37 -6.12
CA ILE A 36 -3.88 -6.35 -6.46
C ILE A 36 -5.02 -6.46 -5.46
N ARG A 37 -5.40 -5.33 -4.86
CA ARG A 37 -6.47 -5.36 -3.85
C ARG A 37 -7.61 -4.43 -4.23
N ILE A 38 -8.77 -4.67 -3.60
CA ILE A 38 -9.92 -3.78 -3.80
C ILE A 38 -9.52 -2.33 -3.50
N GLY A 39 -10.00 -1.41 -4.34
CA GLY A 39 -9.57 -0.04 -4.31
C GLY A 39 -8.43 0.29 -5.25
N ASP A 40 -7.66 -0.72 -5.69
CA ASP A 40 -6.63 -0.51 -6.70
C ASP A 40 -7.26 -0.34 -8.07
N CYS A 41 -6.47 0.23 -8.98
CA CYS A 41 -6.80 0.31 -10.38
C CYS A 41 -5.98 -0.72 -11.14
N ALA A 42 -6.56 -1.24 -12.21
CA ALA A 42 -5.88 -2.25 -12.98
C ALA A 42 -6.16 -2.05 -14.45
N VAL A 43 -5.20 -2.50 -15.26
CA VAL A 43 -5.35 -2.69 -16.70
C VAL A 43 -5.87 -4.10 -16.94
N PHE A 44 -6.90 -4.20 -17.78
CA PHE A 44 -7.55 -5.44 -18.18
C PHE A 44 -7.17 -5.79 -19.62
N LEU A 45 -7.12 -7.09 -19.90
CA LEU A 45 -6.83 -7.54 -21.25
C LEU A 45 -8.01 -7.20 -22.15
N SER A 46 -7.70 -6.66 -23.33
CA SER A 46 -8.73 -6.23 -24.27
C SER A 46 -8.44 -6.80 -25.66
N ALA A 47 -9.47 -6.76 -26.50
CA ALA A 47 -9.38 -7.26 -27.88
C ALA A 47 -9.02 -6.10 -28.81
N GLY A 48 -7.72 -5.93 -29.07
CA GLY A 48 -7.27 -4.96 -30.06
C GLY A 48 -7.08 -3.57 -29.50
N ARG A 49 -6.58 -2.69 -30.39
CA ARG A 49 -6.29 -1.29 -30.14
C ARG A 49 -5.64 -1.09 -28.76
N PRO A 50 -4.42 -1.59 -28.56
CA PRO A 50 -3.80 -1.56 -27.23
C PRO A 50 -3.20 -0.22 -26.83
N ASN A 51 -3.40 0.84 -27.62
CA ASN A 51 -3.13 2.19 -27.14
C ASN A 51 -4.26 2.73 -26.26
N LEU A 52 -5.39 2.03 -26.20
CA LEU A 52 -6.53 2.39 -25.33
C LEU A 52 -6.83 1.21 -24.41
N PRO A 53 -5.92 0.91 -23.48
CA PRO A 53 -6.14 -0.24 -22.59
C PRO A 53 -7.36 -0.01 -21.72
N TYR A 54 -8.10 -1.09 -21.44
CA TYR A 54 -9.21 -1.03 -20.49
C TYR A 54 -8.64 -0.85 -19.09
N ILE A 55 -9.05 0.22 -18.42
CA ILE A 55 -8.56 0.56 -17.08
C ILE A 55 -9.75 0.76 -16.18
N GLY A 56 -9.74 0.08 -15.03
CA GLY A 56 -10.86 0.17 -14.12
C GLY A 56 -10.42 0.13 -12.67
N ARG A 57 -11.27 0.68 -11.81
CA ARG A 57 -11.05 0.57 -10.37
C ARG A 57 -11.80 -0.63 -9.81
N ILE A 58 -11.09 -1.44 -9.02
CA ILE A 58 -11.66 -2.66 -8.47
C ILE A 58 -12.53 -2.34 -7.26
N GLN A 59 -13.83 -2.68 -7.36
CA GLN A 59 -14.78 -2.42 -6.29
C GLN A 59 -14.92 -3.59 -5.32
N SER A 60 -14.98 -4.80 -5.85
CA SER A 60 -15.11 -5.99 -5.02
CA SER A 60 -15.20 -6.00 -5.04
C SER A 60 -14.78 -7.20 -5.88
N MET A 61 -14.42 -8.30 -5.20
CA MET A 61 -14.06 -9.54 -5.86
C MET A 61 -14.63 -10.71 -5.06
N TRP A 62 -15.04 -11.77 -5.78
CA TRP A 62 -15.59 -12.93 -5.09
C TRP A 62 -15.48 -14.15 -5.97
N GLU A 63 -15.59 -15.31 -5.34
CA GLU A 63 -15.72 -16.58 -6.05
C GLU A 63 -17.15 -17.07 -5.87
N SER A 64 -17.78 -17.43 -6.99
CA SER A 64 -19.07 -18.09 -6.95
C SER A 64 -18.91 -19.59 -7.23
N TRP A 65 -20.01 -20.31 -7.07
CA TRP A 65 -20.04 -21.75 -7.34
C TRP A 65 -19.50 -22.06 -8.73
N GLY A 66 -18.72 -23.13 -8.81
CA GLY A 66 -18.13 -23.54 -10.08
C GLY A 66 -16.77 -22.96 -10.38
N ASN A 67 -16.04 -22.47 -9.36
CA ASN A 67 -14.68 -21.94 -9.55
C ASN A 67 -14.68 -20.68 -10.42
N ASN A 68 -15.70 -19.84 -10.26
CA ASN A 68 -15.80 -18.59 -11.01
C ASN A 68 -15.29 -17.45 -10.14
N MET A 69 -14.15 -16.87 -10.52
CA MET A 69 -13.59 -15.72 -9.83
C MET A 69 -14.03 -14.47 -10.58
N VAL A 70 -14.72 -13.59 -9.87
CA VAL A 70 -15.37 -12.41 -10.45
C VAL A 70 -14.79 -11.16 -9.82
N VAL A 71 -14.61 -10.12 -10.62
CA VAL A 71 -14.26 -8.78 -10.12
C VAL A 71 -15.29 -7.80 -10.65
N ARG A 72 -15.80 -6.95 -9.76
CA ARG A 72 -16.65 -5.84 -10.13
C ARG A 72 -15.78 -4.61 -10.32
N VAL A 73 -15.92 -3.95 -11.48
CA VAL A 73 -15.00 -2.91 -11.95
C VAL A 73 -15.79 -1.65 -12.28
N LYS A 74 -15.23 -0.50 -11.90
CA LYS A 74 -15.76 0.81 -12.30
C LYS A 74 -14.83 1.43 -13.34
N TRP A 75 -15.29 1.54 -14.58
CA TRP A 75 -14.39 1.81 -15.69
C TRP A 75 -13.96 3.29 -15.74
N PHE A 76 -12.71 3.52 -16.13
CA PHE A 76 -12.23 4.82 -16.57
C PHE A 76 -12.34 4.87 -18.09
N TYR A 77 -12.36 6.09 -18.61
CA TYR A 77 -12.46 6.36 -20.04
C TYR A 77 -11.27 7.21 -20.47
N HIS A 78 -10.59 6.81 -21.55
CA HIS A 78 -9.63 7.71 -22.15
C HIS A 78 -10.36 8.89 -22.79
N PRO A 79 -9.72 10.06 -22.89
CA PRO A 79 -10.40 11.18 -23.57
C PRO A 79 -10.85 10.86 -24.98
N GLU A 80 -10.08 10.10 -25.78
CA GLU A 80 -10.57 9.72 -27.12
C GLU A 80 -11.89 8.98 -27.04
N GLU A 81 -12.08 8.16 -26.00
CA GLU A 81 -13.25 7.29 -25.87
C GLU A 81 -14.50 8.07 -25.50
N THR A 82 -14.37 9.28 -25.00
CA THR A 82 -15.56 10.03 -24.61
C THR A 82 -16.26 10.52 -25.88
N SER A 83 -17.59 10.61 -25.80
CA SER A 83 -18.37 10.97 -26.99
C SER A 83 -17.92 12.29 -27.63
N PRO A 84 -17.46 13.31 -26.89
CA PRO A 84 -16.85 14.46 -27.59
C PRO A 84 -15.59 14.11 -28.37
N GLY A 85 -15.07 12.89 -28.25
CA GLY A 85 -13.97 12.41 -29.08
C GLY A 85 -12.64 13.10 -28.79
N LYS A 86 -11.73 12.98 -29.75
CA LYS A 86 -10.41 13.57 -29.62
C LYS A 86 -10.41 15.07 -29.98
N GLN A 87 -11.20 15.47 -30.98
CA GLN A 87 -11.17 16.85 -31.45
C GLN A 87 -11.60 17.83 -30.35
N PHE A 88 -12.42 17.38 -29.41
CA PHE A 88 -12.89 18.24 -28.32
C PHE A 88 -11.77 18.60 -27.35
N HIS A 89 -10.74 17.75 -27.23
CA HIS A 89 -9.63 17.99 -26.30
C HIS A 89 -8.39 18.61 -26.95
N LEU A 106 -8.57 27.87 -23.41
CA LEU A 106 -9.24 28.24 -22.17
C LEU A 106 -9.15 27.08 -21.18
N ARG A 107 -9.90 26.01 -21.48
CA ARG A 107 -9.64 24.71 -20.88
C ARG A 107 -8.54 24.00 -21.66
N VAL A 108 -8.55 24.16 -22.98
CA VAL A 108 -7.52 23.61 -23.85
C VAL A 108 -6.16 24.20 -23.52
N SER A 109 -6.13 25.50 -23.18
CA SER A 109 -4.86 26.15 -22.88
C SER A 109 -4.21 25.57 -21.64
N SER A 110 -4.99 25.35 -20.58
CA SER A 110 -4.44 24.96 -19.29
C SER A 110 -4.10 23.48 -19.18
N GLN A 111 -4.43 22.66 -20.17
CA GLN A 111 -4.25 21.22 -20.05
C GLN A 111 -2.84 20.80 -20.44
N ARG A 112 -2.35 19.75 -19.78
CA ARG A 112 -1.01 19.24 -20.03
C ARG A 112 -0.88 18.76 -21.46
N LYS A 113 0.36 18.73 -21.94
CA LYS A 113 0.58 18.25 -23.28
C LYS A 113 0.59 16.73 -23.38
N ASP A 114 0.65 16.01 -22.25
CA ASP A 114 0.47 14.56 -22.27
C ASP A 114 -0.97 14.16 -21.90
N PHE A 115 -1.93 15.06 -22.13
CA PHE A 115 -3.31 14.80 -21.73
C PHE A 115 -3.90 13.59 -22.44
N MET A 116 -3.70 13.50 -23.77
CA MET A 116 -4.33 12.42 -24.53
C MET A 116 -3.77 11.06 -24.14
N GLU A 117 -2.50 11.03 -23.71
CA GLU A 117 -1.85 9.79 -23.32
C GLU A 117 -2.01 9.44 -21.85
N ARG A 118 -2.14 10.44 -20.96
CA ARG A 118 -2.04 10.18 -19.53
C ARG A 118 -3.27 10.51 -18.70
N ALA A 119 -4.24 11.20 -19.25
CA ALA A 119 -5.42 11.59 -18.49
C ALA A 119 -6.51 10.54 -18.63
N LEU A 120 -7.32 10.39 -17.58
CA LEU A 120 -8.44 9.45 -17.59
C LEU A 120 -9.64 10.09 -16.91
N TYR A 121 -10.84 9.79 -17.42
CA TYR A 121 -12.08 10.20 -16.76
C TYR A 121 -12.60 9.03 -15.95
N GLN A 122 -12.96 9.26 -14.69
CA GLN A 122 -13.70 8.25 -13.96
C GLN A 122 -15.15 8.25 -14.42
N SER A 123 -15.85 7.17 -14.14
CA SER A 123 -17.26 7.08 -14.49
C SER A 123 -17.95 6.16 -13.49
N SER A 124 -19.27 6.07 -13.60
CA SER A 124 -20.06 5.15 -12.77
C SER A 124 -20.43 3.87 -13.52
N HIS A 125 -19.87 3.68 -14.71
CA HIS A 125 -20.06 2.49 -15.52
C HIS A 125 -19.37 1.31 -14.81
N VAL A 126 -20.17 0.37 -14.30
CA VAL A 126 -19.62 -0.79 -13.59
C VAL A 126 -19.99 -2.05 -14.37
N ASP A 127 -19.07 -3.01 -14.37
CA ASP A 127 -19.25 -4.29 -15.03
C ASP A 127 -18.69 -5.37 -14.11
N GLU A 128 -19.20 -6.60 -14.25
CA GLU A 128 -18.56 -7.77 -13.64
C GLU A 128 -17.73 -8.48 -14.71
N ASN A 129 -16.53 -8.91 -14.33
CA ASN A 129 -15.64 -9.56 -15.28
C ASN A 129 -14.94 -10.75 -14.62
N ASP A 130 -14.40 -11.64 -15.45
CA ASP A 130 -13.53 -12.69 -14.96
C ASP A 130 -12.23 -12.09 -14.42
N VAL A 131 -11.85 -12.51 -13.20
CA VAL A 131 -10.59 -12.08 -12.61
C VAL A 131 -9.43 -12.39 -13.54
N GLN A 132 -9.50 -13.52 -14.27
CA GLN A 132 -8.39 -13.83 -15.16
C GLN A 132 -8.28 -12.87 -16.37
N THR A 133 -9.15 -11.87 -16.52
CA THR A 133 -8.92 -10.84 -17.53
C THR A 133 -8.10 -9.66 -16.99
N VAL A 134 -7.79 -9.65 -15.70
CA VAL A 134 -6.89 -8.64 -15.16
C VAL A 134 -5.49 -8.84 -15.72
N SER A 135 -4.93 -7.78 -16.30
CA SER A 135 -3.56 -7.85 -16.79
C SER A 135 -2.54 -7.44 -15.73
N HIS A 136 -2.66 -6.24 -15.19
CA HIS A 136 -1.66 -5.81 -14.20
C HIS A 136 -2.16 -4.56 -13.49
N LYS A 137 -1.55 -4.24 -12.35
CA LYS A 137 -1.95 -3.06 -11.58
C LYS A 137 -1.45 -1.76 -12.23
N CYS A 138 -2.22 -0.67 -12.08
CA CYS A 138 -1.72 0.65 -12.46
C CYS A 138 -2.13 1.67 -11.40
N LEU A 139 -1.74 2.94 -11.60
CA LEU A 139 -2.02 4.02 -10.67
C LEU A 139 -2.77 5.13 -11.38
N VAL A 140 -3.85 5.61 -10.79
CA VAL A 140 -4.61 6.77 -11.28
C VAL A 140 -4.70 7.76 -10.11
N VAL A 141 -3.95 8.85 -10.21
CA VAL A 141 -3.82 9.78 -9.10
C VAL A 141 -4.35 11.16 -9.54
N GLY A 142 -4.45 12.09 -8.57
CA GLY A 142 -4.76 13.47 -8.90
C GLY A 142 -3.67 14.18 -9.67
N LEU A 143 -4.05 15.27 -10.34
CA LEU A 143 -3.13 15.97 -11.23
C LEU A 143 -1.89 16.48 -10.48
N GLU A 144 -2.10 17.11 -9.33
CA GLU A 144 -0.94 17.63 -8.59
C GLU A 144 -0.08 16.48 -8.05
N GLN A 145 -0.71 15.40 -7.62
CA GLN A 145 0.06 14.22 -7.23
C GLN A 145 0.88 13.69 -8.40
N TYR A 146 0.27 13.63 -9.60
CA TYR A 146 0.96 13.13 -10.79
C TYR A 146 2.18 13.99 -11.09
N GLU A 147 1.99 15.31 -11.08
CA GLU A 147 3.11 16.19 -11.39
C GLU A 147 4.24 16.07 -10.36
N GLN A 148 3.90 15.88 -9.08
CA GLN A 148 4.97 15.68 -8.10
C GLN A 148 5.66 14.33 -8.33
N MET A 149 4.92 13.31 -8.74
CA MET A 149 5.53 12.01 -8.93
C MET A 149 6.47 12.03 -10.11
N LEU A 150 6.17 12.88 -11.09
CA LEU A 150 7.02 12.98 -12.28
C LEU A 150 8.39 13.56 -11.97
N LYS A 151 8.53 14.28 -10.86
CA LYS A 151 9.85 14.80 -10.48
C LYS A 151 10.77 13.73 -9.93
N THR A 152 10.24 12.57 -9.54
CA THR A 152 11.06 11.52 -8.96
C THR A 152 11.74 10.68 -10.04
N LYS A 153 12.42 9.64 -9.59
CA LYS A 153 13.13 8.71 -10.47
C LYS A 153 12.30 7.47 -10.81
N LYS A 154 11.68 6.85 -9.80
CA LYS A 154 10.87 5.66 -10.06
C LYS A 154 9.73 5.96 -11.03
N TYR A 155 9.05 7.08 -10.80
CA TYR A 155 7.87 7.45 -11.58
C TYR A 155 8.22 8.32 -12.78
N GLN A 156 9.46 8.79 -12.87
CA GLN A 156 10.01 9.14 -14.16
C GLN A 156 9.76 7.98 -15.12
N ASP A 157 9.22 8.31 -16.30
CA ASP A 157 8.74 7.44 -17.38
C ASP A 157 7.25 7.12 -17.25
N SER A 158 6.63 7.38 -16.09
CA SER A 158 5.18 7.28 -15.90
C SER A 158 4.61 5.90 -16.20
N GLU A 159 5.39 4.83 -16.15
CA GLU A 159 4.87 3.53 -16.55
C GLU A 159 3.68 3.16 -15.68
N GLY A 160 2.54 2.87 -16.31
CA GLY A 160 1.31 2.55 -15.61
C GLY A 160 0.78 3.66 -14.73
N LEU A 161 1.14 4.91 -14.99
CA LEU A 161 0.76 6.04 -14.14
C LEU A 161 -0.09 7.01 -14.94
N TYR A 162 -1.30 7.28 -14.45
CA TYR A 162 -2.28 8.18 -15.10
C TYR A 162 -2.76 9.20 -14.08
N TYR A 163 -3.40 10.27 -14.57
CA TYR A 163 -4.03 11.22 -13.67
C TYR A 163 -5.49 11.42 -14.05
N LEU A 164 -6.27 11.79 -13.05
CA LEU A 164 -7.71 11.97 -13.19
C LEU A 164 -8.03 13.33 -13.80
N ALA A 165 -8.77 13.34 -14.91
CA ALA A 165 -9.15 14.57 -15.60
C ALA A 165 -10.55 15.05 -15.23
N GLY A 166 -11.36 14.22 -14.60
CA GLY A 166 -12.73 14.54 -14.28
C GLY A 166 -13.59 13.30 -14.39
N THR A 167 -14.88 13.50 -14.64
CA THR A 167 -15.88 12.44 -14.70
C THR A 167 -16.55 12.48 -16.07
N TYR A 168 -16.77 11.30 -16.63
CA TYR A 168 -17.51 11.12 -17.85
C TYR A 168 -18.78 10.35 -17.53
N GLU A 169 -19.92 10.84 -18.04
CA GLU A 169 -21.18 10.10 -17.94
C GLU A 169 -21.52 9.51 -19.30
N PRO A 170 -21.27 8.21 -19.52
CA PRO A 170 -21.57 7.58 -20.81
C PRO A 170 -23.05 7.62 -21.18
N THR A 171 -23.94 7.67 -20.19
CA THR A 171 -25.36 7.69 -20.51
C THR A 171 -25.80 9.03 -21.08
N THR A 172 -25.17 10.13 -20.67
CA THR A 172 -25.52 11.46 -21.18
C THR A 172 -24.49 12.06 -22.14
N GLY A 173 -23.27 11.52 -22.18
CA GLY A 173 -22.21 12.13 -22.96
C GLY A 173 -21.56 13.33 -22.29
N MET A 174 -21.90 13.62 -21.04
CA MET A 174 -21.42 14.84 -20.43
C MET A 174 -20.06 14.59 -19.76
N ILE A 175 -19.20 15.61 -19.77
CA ILE A 175 -17.91 15.60 -19.10
C ILE A 175 -17.95 16.67 -18.02
N PHE A 176 -17.34 16.36 -16.88
CA PHE A 176 -17.28 17.23 -15.71
C PHE A 176 -15.84 17.32 -15.24
N SER A 177 -15.44 18.51 -14.79
CA SER A 177 -14.11 18.70 -14.21
C SER A 177 -14.03 18.01 -12.84
N THR A 178 -12.80 17.94 -12.31
CA THR A 178 -12.67 17.37 -10.97
C THR A 178 -13.35 18.22 -9.91
N ASP A 179 -13.71 19.47 -10.22
CA ASP A 179 -14.52 20.28 -9.33
C ASP A 179 -16.02 20.07 -9.53
N GLY A 180 -16.44 19.20 -10.45
CA GLY A 180 -17.84 18.98 -10.74
C GLY A 180 -18.46 19.95 -11.73
N VAL A 181 -17.66 20.74 -12.43
CA VAL A 181 -18.17 21.76 -13.34
C VAL A 181 -18.44 21.10 -14.69
N PRO A 182 -19.66 21.20 -15.23
CA PRO A 182 -19.92 20.62 -16.55
C PRO A 182 -19.05 21.31 -17.59
N VAL A 183 -18.38 20.51 -18.39
CA VAL A 183 -17.40 20.98 -19.32
C VAL A 183 -18.00 21.01 -20.71
N LYS B 4 -9.47 -16.80 -18.44
CA LYS B 4 -10.21 -15.99 -19.40
C LYS B 4 -9.31 -15.23 -20.37
N GLN B 5 -9.87 -15.00 -21.55
CA GLN B 5 -9.10 -14.50 -22.68
C GLN B 5 -9.03 -12.97 -22.69
N THR B 6 -10.17 -12.29 -22.87
CA THR B 6 -10.23 -10.83 -22.87
C THR B 6 -11.46 -10.35 -22.11
N ALA B 7 -11.33 -9.17 -21.49
CA ALA B 7 -12.41 -8.60 -20.69
C ALA B 7 -13.55 -8.10 -21.59
N ARG B 8 -14.72 -7.95 -20.97
CA ARG B 8 -15.91 -7.46 -21.67
C ARG B 8 -16.42 -6.14 -21.07
N M3L B 9 -16.88 -5.25 -21.94
CA M3L B 9 -17.54 -4.04 -21.53
CB M3L B 9 -16.85 -2.75 -22.01
CG M3L B 9 -15.64 -2.35 -21.20
CD M3L B 9 -15.68 -0.86 -20.87
CE M3L B 9 -15.15 -0.05 -22.03
NZ M3L B 9 -13.98 0.88 -21.79
C M3L B 9 -18.97 -3.97 -22.06
O M3L B 9 -19.26 -4.18 -23.24
CM1 M3L B 9 -12.91 0.27 -20.92
CM2 M3L B 9 -14.42 2.16 -21.17
CM3 M3L B 9 -13.37 1.19 -23.13
N SER B 10 -19.90 -3.65 -21.15
CA SER B 10 -21.24 -3.26 -21.58
C SER B 10 -21.18 -1.82 -22.05
N THR B 11 -22.33 -1.17 -22.12
CA THR B 11 -22.36 0.23 -22.54
C THR B 11 -23.27 1.07 -21.65
N ARG C 2 15.57 -4.42 33.89
CA ARG C 2 15.51 -5.85 34.17
C ARG C 2 16.70 -6.58 33.54
N GLN C 3 16.44 -7.76 32.96
CA GLN C 3 17.53 -8.54 32.39
C GLN C 3 18.10 -7.85 31.15
N LEU C 4 19.40 -8.04 30.95
CA LEU C 4 20.09 -7.41 29.84
C LEU C 4 20.00 -8.27 28.59
N TRP C 5 19.90 -7.60 27.43
CA TRP C 5 20.14 -8.26 26.17
C TRP C 5 21.62 -8.57 26.06
N LYS C 6 21.93 -9.73 25.45
CA LYS C 6 23.29 -10.11 25.13
C LYS C 6 23.34 -10.57 23.68
N TRP C 7 24.54 -10.53 23.10
CA TRP C 7 24.72 -11.04 21.75
C TRP C 7 24.49 -12.54 21.72
N PHE C 8 23.95 -13.03 20.59
CA PHE C 8 23.84 -14.48 20.36
C PHE C 8 25.03 -14.96 19.55
N GLY C 9 25.88 -15.80 20.16
CA GLY C 9 26.97 -16.41 19.41
C GLY C 9 28.06 -15.42 19.01
N LYS C 10 28.70 -15.71 17.93
CA LYS C 10 29.84 -15.10 17.28
C LYS C 10 29.41 -13.94 16.39
N PRO C 11 30.28 -12.93 16.28
CA PRO C 11 30.03 -11.83 15.34
C PRO C 11 30.21 -12.28 13.90
N THR C 12 29.71 -11.46 12.98
CA THR C 12 29.86 -11.67 11.54
C THR C 12 31.19 -11.09 11.05
N GLN C 13 31.46 -11.32 9.77
CA GLN C 13 32.68 -10.86 9.09
C GLN C 13 32.66 -9.38 8.77
N ARG C 14 31.51 -8.72 8.86
CA ARG C 14 31.32 -7.37 8.32
C ARG C 14 32.33 -6.39 8.92
N ARG C 15 32.89 -5.54 8.07
CA ARG C 15 33.96 -4.63 8.48
C ARG C 15 33.49 -3.19 8.55
N ALA C 21 39.15 -4.39 13.80
CA ALA C 21 38.10 -3.42 13.49
C ALA C 21 37.53 -2.78 14.76
N ARG C 22 37.14 -1.51 14.61
CA ARG C 22 36.53 -0.76 15.70
C ARG C 22 35.16 -1.33 16.09
N LYS C 23 34.39 -1.83 15.13
CA LYS C 23 33.06 -2.39 15.38
C LYS C 23 33.04 -3.90 15.17
N LEU C 24 32.42 -4.63 16.10
CA LEU C 24 32.15 -6.06 15.95
C LEU C 24 30.65 -6.23 15.75
N PHE C 25 30.25 -6.64 14.54
CA PHE C 25 28.83 -6.69 14.15
C PHE C 25 28.22 -8.03 14.53
N TYR C 26 26.97 -7.99 15.00
CA TYR C 26 26.23 -9.20 15.35
C TYR C 26 24.87 -9.18 14.71
N LYS C 27 24.32 -10.36 14.41
CA LYS C 27 23.03 -10.37 13.77
C LYS C 27 21.87 -10.48 14.76
N ALA C 28 22.12 -10.95 15.99
CA ALA C 28 21.00 -11.21 16.90
C ALA C 28 21.37 -10.94 18.35
N ILE C 29 20.35 -10.57 19.12
CA ILE C 29 20.41 -10.42 20.57
C ILE C 29 19.35 -11.33 21.18
N VAL C 30 19.65 -11.80 22.41
CA VAL C 30 18.77 -12.68 23.14
C VAL C 30 18.62 -12.20 24.58
N ARG C 31 17.45 -12.45 25.14
CA ARG C 31 17.13 -12.13 26.53
C ARG C 31 16.19 -13.21 26.99
N GLY C 32 16.65 -14.07 27.90
CA GLY C 32 15.90 -15.28 28.22
C GLY C 32 15.60 -16.09 26.98
N LYS C 33 14.31 -16.30 26.68
CA LYS C 33 13.90 -17.05 25.50
C LYS C 33 13.52 -16.15 24.33
N GLU C 34 13.77 -14.85 24.43
CA GLU C 34 13.43 -13.92 23.35
C GLU C 34 14.64 -13.66 22.47
N MET C 35 14.42 -13.64 21.15
CA MET C 35 15.45 -13.29 20.18
C MET C 35 15.01 -12.19 19.25
N ILE C 36 15.92 -11.26 18.96
CA ILE C 36 15.66 -10.18 18.02
C ILE C 36 16.83 -10.14 17.05
N ARG C 37 16.52 -10.15 15.75
CA ARG C 37 17.51 -10.23 14.69
C ARG C 37 17.48 -8.95 13.85
N ILE C 38 18.58 -8.69 13.13
CA ILE C 38 18.54 -7.55 12.21
C ILE C 38 17.45 -7.80 11.18
N GLY C 39 16.74 -6.72 10.81
CA GLY C 39 15.57 -6.84 9.97
C GLY C 39 14.27 -6.92 10.74
N ASP C 40 14.32 -7.27 12.03
CA ASP C 40 13.14 -7.28 12.87
C ASP C 40 12.77 -5.86 13.27
N CYS C 41 11.53 -5.70 13.70
CA CYS C 41 11.04 -4.44 14.24
C CYS C 41 10.97 -4.60 15.76
N ALA C 42 11.24 -3.52 16.48
CA ALA C 42 11.23 -3.56 17.93
C ALA C 42 10.59 -2.30 18.50
N VAL C 43 9.98 -2.46 19.68
CA VAL C 43 9.57 -1.38 20.55
C VAL C 43 10.74 -1.06 21.47
N PHE C 44 11.07 0.23 21.53
CA PHE C 44 12.12 0.79 22.38
C PHE C 44 11.51 1.48 23.59
N LEU C 45 12.26 1.51 24.69
CA LEU C 45 11.82 2.23 25.87
C LEU C 45 11.85 3.73 25.59
N SER C 46 10.82 4.43 26.03
CA SER C 46 10.74 5.86 25.77
C SER C 46 10.39 6.61 27.05
N ALA C 47 10.98 7.79 27.19
CA ALA C 47 10.61 8.68 28.29
C ALA C 47 9.30 9.36 27.93
N GLY C 48 8.29 9.19 28.78
CA GLY C 48 6.96 9.68 28.51
C GLY C 48 6.36 9.14 27.22
N PRO C 53 4.69 3.40 21.03
CA PRO C 53 5.58 4.41 20.46
C PRO C 53 7.05 4.07 20.58
N TYR C 54 7.91 4.80 19.87
CA TYR C 54 9.28 4.39 19.62
C TYR C 54 9.32 2.95 19.11
N ILE C 55 8.99 2.81 17.83
CA ILE C 55 9.03 1.55 17.11
C ILE C 55 9.99 1.76 15.95
N GLY C 56 10.95 0.85 15.79
CA GLY C 56 11.95 0.99 14.75
C GLY C 56 12.29 -0.33 14.12
N ARG C 57 12.81 -0.27 12.90
CA ARG C 57 13.34 -1.46 12.23
C ARG C 57 14.85 -1.54 12.42
N ILE C 58 15.34 -2.70 12.84
CA ILE C 58 16.75 -2.82 13.17
C ILE C 58 17.55 -3.04 11.90
N GLN C 59 18.46 -2.11 11.62
CA GLN C 59 19.29 -2.17 10.42
C GLN C 59 20.55 -2.99 10.69
N SER C 60 21.22 -2.71 11.80
CA SER C 60 22.44 -3.44 12.15
C SER C 60 22.71 -3.24 13.64
N MET C 61 23.59 -4.09 14.17
CA MET C 61 23.95 -4.07 15.59
C MET C 61 25.44 -4.38 15.72
N TRP C 62 26.09 -3.74 16.69
CA TRP C 62 27.50 -4.00 16.89
C TRP C 62 27.92 -3.62 18.30
N GLU C 63 29.09 -4.11 18.70
CA GLU C 63 29.72 -3.68 19.93
C GLU C 63 31.02 -2.95 19.60
N SER C 64 31.26 -1.84 20.31
CA SER C 64 32.54 -1.15 20.20
C SER C 64 33.23 -1.13 21.57
N TRP C 65 34.45 -0.61 21.57
CA TRP C 65 35.28 -0.57 22.78
C TRP C 65 34.51 -0.03 23.97
N GLY C 66 34.74 -0.63 25.14
CA GLY C 66 34.05 -0.19 26.34
C GLY C 66 32.71 -0.85 26.57
N ASN C 67 32.43 -1.97 25.91
CA ASN C 67 31.13 -2.63 26.03
C ASN C 67 29.98 -1.70 25.58
N ASN C 68 30.20 -0.95 24.53
CA ASN C 68 29.15 -0.12 23.95
CA ASN C 68 29.18 -0.10 23.92
C ASN C 68 28.41 -0.97 22.93
N MET C 69 27.23 -1.47 23.32
CA MET C 69 26.40 -2.29 22.43
C MET C 69 25.38 -1.37 21.76
N VAL C 70 25.44 -1.28 20.44
CA VAL C 70 24.72 -0.28 19.67
C VAL C 70 23.79 -0.98 18.68
N VAL C 71 22.59 -0.44 18.50
CA VAL C 71 21.69 -0.82 17.41
C VAL C 71 21.37 0.42 16.59
N ARG C 72 21.51 0.29 15.26
CA ARG C 72 21.10 1.30 14.30
C ARG C 72 19.67 1.02 13.86
N VAL C 73 18.82 2.03 13.95
CA VAL C 73 17.38 1.89 13.89
C VAL C 73 16.85 2.83 12.82
N LYS C 74 15.90 2.35 12.02
CA LYS C 74 15.13 3.18 11.10
C LYS C 74 13.73 3.37 11.71
N TRP C 75 13.41 4.59 12.13
CA TRP C 75 12.22 4.81 12.94
C TRP C 75 10.92 4.78 12.12
N PHE C 76 9.86 4.28 12.76
CA PHE C 76 8.49 4.38 12.30
C PHE C 76 7.83 5.53 13.05
N TYR C 77 6.79 6.11 12.43
CA TYR C 77 6.02 7.21 12.99
C TYR C 77 4.56 6.81 13.07
N HIS C 78 3.95 7.04 14.23
CA HIS C 78 2.49 6.98 14.30
C HIS C 78 1.90 8.16 13.53
N PRO C 79 0.69 7.99 12.98
CA PRO C 79 0.05 9.11 12.27
C PRO C 79 0.02 10.39 13.07
N GLU C 80 -0.29 10.31 14.37
CA GLU C 80 -0.34 11.52 15.20
C GLU C 80 0.99 12.27 15.18
N GLU C 81 2.11 11.54 15.18
CA GLU C 81 3.45 12.09 15.27
C GLU C 81 3.92 12.74 13.97
N THR C 82 3.17 12.60 12.89
CA THR C 82 3.54 13.26 11.65
C THR C 82 3.09 14.72 11.70
N SER C 83 3.81 15.56 10.95
CA SER C 83 3.52 16.99 11.00
C SER C 83 2.09 17.35 10.58
N PRO C 84 1.44 16.63 9.65
CA PRO C 84 0.00 16.88 9.44
C PRO C 84 -0.86 16.57 10.67
N GLY C 85 -0.36 15.74 11.60
CA GLY C 85 -1.00 15.54 12.89
C GLY C 85 -2.26 14.69 12.88
N LYS C 86 -3.00 14.78 13.99
CA LYS C 86 -4.18 13.94 14.19
C LYS C 86 -5.32 14.33 13.26
N GLN C 87 -5.52 15.64 13.03
CA GLN C 87 -6.67 16.09 12.26
C GLN C 87 -6.60 15.61 10.81
N PHE C 88 -5.40 15.56 10.24
CA PHE C 88 -5.22 15.19 8.85
C PHE C 88 -5.72 13.77 8.56
N HIS C 89 -5.76 12.90 9.58
CA HIS C 89 -6.16 11.50 9.40
C HIS C 89 -7.57 11.17 9.89
N LEU C 106 -11.70 10.39 0.19
CA LEU C 106 -11.32 9.10 -0.40
C LEU C 106 -10.36 8.35 0.52
N ARG C 107 -9.32 9.05 0.99
CA ARG C 107 -8.34 8.42 1.86
C ARG C 107 -8.92 8.15 3.24
N VAL C 108 -9.60 9.13 3.83
CA VAL C 108 -10.17 8.96 5.17
C VAL C 108 -11.27 7.90 5.16
N SER C 109 -12.05 7.84 4.06
CA SER C 109 -13.18 6.92 4.02
C SER C 109 -12.71 5.46 3.91
N SER C 110 -11.68 5.22 3.11
CA SER C 110 -11.18 3.86 2.89
C SER C 110 -10.21 3.39 3.97
N GLN C 111 -9.94 4.21 4.98
CA GLN C 111 -9.01 3.87 6.04
C GLN C 111 -9.67 2.99 7.11
N ARG C 112 -8.89 2.08 7.66
CA ARG C 112 -9.39 1.24 8.73
C ARG C 112 -9.76 2.07 9.94
N LYS C 113 -10.58 1.48 10.80
CA LYS C 113 -11.05 2.19 11.98
C LYS C 113 -9.99 2.24 13.07
N ASP C 114 -9.08 1.28 13.10
CA ASP C 114 -7.99 1.26 14.08
C ASP C 114 -6.74 1.95 13.54
N PHE C 115 -6.89 2.78 12.51
CA PHE C 115 -5.75 3.38 11.83
C PHE C 115 -4.84 4.13 12.80
N MET C 116 -5.44 4.92 13.69
CA MET C 116 -4.64 5.77 14.57
C MET C 116 -3.77 4.93 15.50
N GLU C 117 -4.29 3.79 15.96
CA GLU C 117 -3.60 2.93 16.94
C GLU C 117 -2.68 1.89 16.30
N ARG C 118 -2.95 1.48 15.05
CA ARG C 118 -2.27 0.34 14.46
C ARG C 118 -1.48 0.66 13.20
N ALA C 119 -1.73 1.79 12.54
CA ALA C 119 -0.97 2.11 11.34
C ALA C 119 0.34 2.81 11.70
N LEU C 120 1.35 2.61 10.86
CA LEU C 120 2.67 3.21 11.09
C LEU C 120 3.24 3.64 9.76
N TYR C 121 3.92 4.79 9.73
CA TYR C 121 4.68 5.22 8.57
C TYR C 121 6.13 4.84 8.72
N GLN C 122 6.70 4.25 7.68
CA GLN C 122 8.15 4.07 7.66
C GLN C 122 8.83 5.38 7.29
N SER C 123 10.11 5.47 7.62
CA SER C 123 10.86 6.70 7.35
C SER C 123 12.31 6.36 7.10
N SER C 124 13.06 7.36 6.65
CA SER C 124 14.51 7.24 6.51
C SER C 124 15.25 7.81 7.73
N HIS C 125 14.52 8.23 8.76
CA HIS C 125 15.09 8.77 9.98
C HIS C 125 15.82 7.65 10.72
N VAL C 126 17.14 7.69 10.73
CA VAL C 126 17.95 6.63 11.34
C VAL C 126 18.66 7.19 12.56
N ASP C 127 18.75 6.37 13.62
CA ASP C 127 19.44 6.74 14.85
C ASP C 127 20.22 5.54 15.38
N GLU C 128 21.33 5.82 16.06
CA GLU C 128 22.04 4.82 16.85
C GLU C 128 21.58 4.90 18.30
N ASN C 129 21.33 3.73 18.90
CA ASN C 129 20.80 3.65 20.26
C ASN C 129 21.54 2.56 21.03
N ASP C 130 21.52 2.68 22.35
CA ASP C 130 21.99 1.58 23.20
C ASP C 130 21.06 0.38 23.05
N VAL C 131 21.67 -0.81 22.84
CA VAL C 131 20.90 -2.05 22.74
C VAL C 131 20.00 -2.23 23.96
N GLN C 132 20.48 -1.82 25.14
CA GLN C 132 19.63 -2.00 26.32
C GLN C 132 18.39 -1.08 26.35
N THR C 133 18.21 -0.19 25.36
CA THR C 133 16.92 0.50 25.28
C THR C 133 15.87 -0.29 24.50
N VAL C 134 16.21 -1.45 23.94
CA VAL C 134 15.21 -2.30 23.28
C VAL C 134 14.26 -2.85 24.32
N SER C 135 12.96 -2.63 24.12
CA SER C 135 12.00 -3.25 25.02
C SER C 135 11.63 -4.67 24.56
N HIS C 136 11.10 -4.79 23.35
CA HIS C 136 10.64 -6.11 22.91
C HIS C 136 10.35 -6.11 21.41
N LYS C 137 10.26 -7.31 20.85
CA LYS C 137 10.02 -7.45 19.41
C LYS C 137 8.57 -7.13 19.07
N CYS C 138 8.34 -6.56 17.88
CA CYS C 138 6.99 -6.44 17.35
C CYS C 138 7.00 -6.74 15.85
N LEU C 139 5.81 -6.76 15.25
CA LEU C 139 5.65 -7.03 13.82
C LEU C 139 5.00 -5.82 13.15
N VAL C 140 5.57 -5.38 12.03
CA VAL C 140 4.99 -4.33 11.19
C VAL C 140 4.86 -4.94 9.80
N VAL C 141 3.62 -5.18 9.37
CA VAL C 141 3.37 -5.92 8.13
C VAL C 141 2.51 -5.07 7.17
N GLY C 142 2.35 -5.58 5.95
CA GLY C 142 1.47 -4.94 4.99
C GLY C 142 0.00 -5.00 5.39
N LEU C 143 -0.79 -4.05 4.88
CA LEU C 143 -2.20 -3.98 5.24
C LEU C 143 -2.90 -5.32 4.99
N GLU C 144 -2.70 -5.91 3.82
CA GLU C 144 -3.40 -7.16 3.53
C GLU C 144 -2.91 -8.29 4.45
N GLN C 145 -1.60 -8.31 4.73
CA GLN C 145 -1.09 -9.30 5.67
C GLN C 145 -1.70 -9.08 7.05
N TYR C 146 -1.83 -7.81 7.45
CA TYR C 146 -2.39 -7.50 8.76
C TYR C 146 -3.80 -8.04 8.89
N GLU C 147 -4.64 -7.78 7.86
CA GLU C 147 -6.03 -8.22 7.91
C GLU C 147 -6.14 -9.74 7.89
N GLN C 148 -5.24 -10.44 7.19
CA GLN C 148 -5.28 -11.89 7.25
C GLN C 148 -4.89 -12.41 8.64
N MET C 149 -3.88 -11.79 9.26
CA MET C 149 -3.41 -12.29 10.55
C MET C 149 -4.45 -12.03 11.64
N LEU C 150 -5.23 -10.97 11.49
CA LEU C 150 -6.31 -10.69 12.44
C LEU C 150 -7.36 -11.80 12.47
N LYS C 151 -7.44 -12.60 11.40
CA LYS C 151 -8.39 -13.71 11.37
C LYS C 151 -7.95 -14.88 12.23
N THR C 152 -6.70 -14.91 12.69
CA THR C 152 -6.19 -16.02 13.48
C THR C 152 -6.37 -15.75 14.98
N LYS C 153 -6.19 -16.81 15.76
CA LYS C 153 -6.37 -16.72 17.21
C LYS C 153 -5.22 -15.94 17.85
N LYS C 154 -3.99 -16.20 17.42
CA LYS C 154 -2.83 -15.55 18.04
C LYS C 154 -2.91 -14.03 17.91
N TYR C 155 -3.23 -13.54 16.71
CA TYR C 155 -3.25 -12.11 16.44
C TYR C 155 -4.66 -11.52 16.46
N GLN C 156 -5.65 -12.28 16.94
CA GLN C 156 -7.02 -11.76 17.04
C GLN C 156 -7.06 -10.48 17.87
N ASP C 157 -6.23 -10.41 18.90
CA ASP C 157 -6.13 -9.21 19.72
C ASP C 157 -5.27 -8.12 19.09
N SER C 158 -4.35 -8.49 18.18
CA SER C 158 -3.46 -7.58 17.47
C SER C 158 -2.41 -6.93 18.36
N GLU C 159 -2.06 -7.56 19.48
CA GLU C 159 -1.01 -7.04 20.35
C GLU C 159 0.35 -7.28 19.71
N GLY C 160 1.20 -6.26 19.72
CA GLY C 160 2.48 -6.34 19.05
C GLY C 160 2.41 -6.40 17.53
N LEU C 161 1.26 -6.12 16.93
CA LEU C 161 1.08 -6.19 15.49
C LEU C 161 0.62 -4.85 14.96
N TYR C 162 1.32 -4.33 13.95
CA TYR C 162 1.03 -3.06 13.28
C TYR C 162 1.07 -3.26 11.78
N TYR C 163 0.52 -2.29 11.04
CA TYR C 163 0.61 -2.32 9.58
C TYR C 163 1.19 -1.02 9.04
N LEU C 164 1.79 -1.15 7.87
CA LEU C 164 2.40 -0.04 7.14
C LEU C 164 1.37 0.81 6.41
N ALA C 165 1.36 2.11 6.72
CA ALA C 165 0.46 3.05 6.06
C ALA C 165 1.13 3.78 4.91
N GLY C 166 2.46 3.70 4.80
CA GLY C 166 3.24 4.43 3.82
C GLY C 166 4.55 4.98 4.37
N THR C 167 5.05 6.07 3.79
CA THR C 167 6.34 6.66 4.16
C THR C 167 6.13 8.08 4.64
N TYR C 168 6.86 8.47 5.69
CA TYR C 168 6.87 9.82 6.21
C TYR C 168 8.26 10.39 6.04
N GLU C 169 8.36 11.64 5.55
CA GLU C 169 9.63 12.33 5.39
C GLU C 169 9.71 13.46 6.41
N PRO C 170 10.34 13.25 7.56
CA PRO C 170 10.38 14.29 8.60
C PRO C 170 11.06 15.57 8.14
N THR C 171 11.99 15.48 7.20
CA THR C 171 12.70 16.68 6.79
C THR C 171 11.85 17.59 5.93
N THR C 172 10.87 17.03 5.20
CA THR C 172 9.95 17.81 4.38
C THR C 172 8.52 17.87 4.94
N GLY C 173 8.15 16.98 5.84
CA GLY C 173 6.78 16.90 6.32
C GLY C 173 5.83 16.16 5.39
N MET C 174 6.34 15.60 4.29
CA MET C 174 5.49 14.92 3.32
C MET C 174 5.17 13.49 3.74
N ILE C 175 3.94 13.05 3.46
CA ILE C 175 3.51 11.66 3.61
C ILE C 175 3.26 11.07 2.23
N PHE C 176 3.67 9.82 2.04
CA PHE C 176 3.46 9.09 0.79
C PHE C 176 2.72 7.79 1.06
N SER C 177 1.85 7.41 0.13
CA SER C 177 1.19 6.12 0.27
C SER C 177 2.20 4.98 0.02
N THR C 178 1.76 3.74 0.29
CA THR C 178 2.62 2.60 0.02
C THR C 178 2.87 2.42 -1.47
N ASP C 179 2.06 3.07 -2.34
CA ASP C 179 2.40 3.11 -3.75
C ASP C 179 3.33 4.26 -4.11
N GLY C 180 3.75 5.07 -3.14
CA GLY C 180 4.62 6.21 -3.43
C GLY C 180 3.87 7.46 -3.83
N VAL C 181 2.57 7.50 -3.63
CA VAL C 181 1.79 8.67 -4.07
C VAL C 181 1.82 9.72 -2.96
N PRO C 182 2.21 10.96 -3.26
CA PRO C 182 2.19 11.99 -2.23
C PRO C 182 0.77 12.28 -1.77
N VAL C 183 0.58 12.26 -0.46
CA VAL C 183 -0.72 12.20 0.17
C VAL C 183 -1.12 13.63 0.59
N LYS D 4 21.05 1.11 30.00
CA LYS D 4 20.31 2.25 29.45
C LYS D 4 18.81 2.11 29.68
N GLN D 5 18.16 3.22 30.02
CA GLN D 5 16.75 3.16 30.41
C GLN D 5 15.79 3.62 29.32
N THR D 6 16.03 4.77 28.67
CA THR D 6 15.15 5.17 27.57
C THR D 6 15.96 5.59 26.34
N ALA D 7 15.47 5.16 25.18
CA ALA D 7 16.12 5.45 23.92
C ALA D 7 15.98 6.92 23.55
N ARG D 8 16.97 7.43 22.83
CA ARG D 8 16.96 8.83 22.42
C ARG D 8 16.72 8.97 20.92
N M3L D 9 15.86 9.91 20.57
CA M3L D 9 15.52 10.16 19.20
CB M3L D 9 14.00 10.00 18.98
CG M3L D 9 13.55 10.10 17.54
CD M3L D 9 12.50 9.03 17.22
CE M3L D 9 11.16 9.34 17.89
NZ M3L D 9 9.92 8.74 17.28
C M3L D 9 16.00 11.56 18.79
O M3L D 9 15.77 12.57 19.45
CM1 M3L D 9 9.66 7.33 17.69
CM2 M3L D 9 10.00 8.76 15.79
CM3 M3L D 9 8.77 9.57 17.74
N SER D 10 16.73 11.60 17.68
CA SER D 10 17.16 12.88 17.12
C SER D 10 16.00 13.47 16.33
N THR D 11 16.25 14.54 15.59
CA THR D 11 15.20 15.18 14.81
C THR D 11 15.53 15.24 13.32
#